data_6Y1X
#
_entry.id   6Y1X
#
_cell.length_a   40.180
_cell.length_b   48.680
_cell.length_c   80.380
_cell.angle_alpha   78.810
_cell.angle_beta   87.730
_cell.angle_gamma   89.940
#
_symmetry.space_group_name_H-M   'P 1'
#
loop_
_entity.id
_entity.type
_entity.pdbx_description
1 polymer 'Radical SAM domain protein'
2 non-polymer 'IRON/SULFUR CLUSTER'
3 non-polymer 'SULFATE ION'
4 non-polymer 'CHLORIDE ION'
5 water water
#
_entity_poly.entity_id   1
_entity_poly.type   'polypeptide(L)'
_entity_poly.pdbx_seq_one_letter_code
;MGSHHHHHHASEQYPTAIVADREVPFDPEQLRRIREHPCFSEKACHAFGRMHLPVAPKCNIQCKYCIRDFDCVNESRPGV
TSRVLTPQEALERVDEVLSKYHYIKVVAVAGPGEPLANEETFETLRLVGEKYPHLILCISTNGLLLPDRIEDLDRIGVTN
ITVTLNAVDPTIGEQIYDYVIYKGERYEGLEAAKILLDNQLKGIEEAVRRKKIVKVNTVLIPGINDKHVFDIARKIKSMG
VFIHNVMPLIPQYKFAHIKPPTPEEKRAIQDELSKIIKQMRHCRQCRSDAIGRLGCDIQQELEKGKKKS
;
_entity_poly.pdbx_strand_id   A,B
#
# COMPACT_ATOMS: atom_id res chain seq x y z
CA GLN A 30 7.56 9.03 -19.61
C GLN A 30 7.42 8.26 -18.29
N LEU A 31 7.79 8.91 -17.19
CA LEU A 31 7.77 8.26 -15.88
C LEU A 31 6.34 8.13 -15.35
N ARG A 32 6.20 7.31 -14.31
CA ARG A 32 4.89 6.91 -13.83
C ARG A 32 4.14 8.05 -13.15
N ARG A 33 4.85 8.95 -12.47
CA ARG A 33 4.24 10.08 -11.77
C ARG A 33 3.50 11.03 -12.70
N ILE A 34 3.73 10.94 -14.01
CA ILE A 34 2.92 11.64 -15.01
C ILE A 34 1.92 10.70 -15.66
N ARG A 35 2.40 9.55 -16.12
CA ARG A 35 1.59 8.64 -16.93
C ARG A 35 0.36 8.13 -16.19
N GLU A 36 0.44 7.99 -14.87
CA GLU A 36 -0.68 7.49 -14.08
C GLU A 36 -1.33 8.55 -13.21
N HIS A 37 -1.04 9.83 -13.45
CA HIS A 37 -1.66 10.90 -12.68
C HIS A 37 -2.75 11.51 -13.54
N PRO A 38 -4.02 11.43 -13.12
CA PRO A 38 -5.12 11.93 -13.97
C PRO A 38 -5.02 13.41 -14.30
N CYS A 39 -4.39 14.20 -13.44
CA CYS A 39 -4.30 15.64 -13.66
C CYS A 39 -3.09 16.06 -14.47
N PHE A 40 -2.16 15.13 -14.75
CA PHE A 40 -0.98 15.45 -15.52
C PHE A 40 -0.93 14.71 -16.85
N SER A 41 -1.88 13.82 -17.12
CA SER A 41 -1.92 13.08 -18.37
C SER A 41 -3.37 12.98 -18.82
N GLU A 42 -3.61 13.30 -20.09
CA GLU A 42 -4.95 13.16 -20.66
C GLU A 42 -5.42 11.72 -20.62
N LYS A 43 -4.53 10.78 -20.95
CA LYS A 43 -4.89 9.37 -20.92
C LYS A 43 -5.21 8.91 -19.50
N ALA A 44 -4.45 9.38 -18.52
CA ALA A 44 -4.64 8.92 -17.14
C ALA A 44 -5.99 9.38 -16.58
N CYS A 45 -6.52 10.49 -17.09
CA CYS A 45 -7.77 11.03 -16.54
C CYS A 45 -8.93 10.07 -16.76
N HIS A 46 -8.98 9.42 -17.92
CA HIS A 46 -10.03 8.46 -18.24
C HIS A 46 -9.79 7.09 -17.62
N ALA A 47 -8.62 6.86 -17.02
CA ALA A 47 -8.26 5.53 -16.54
C ALA A 47 -8.06 5.45 -15.04
N PHE A 48 -7.43 6.45 -14.42
CA PHE A 48 -7.01 6.37 -13.04
C PHE A 48 -7.72 7.44 -12.22
N GLY A 49 -7.80 7.19 -10.90
CA GLY A 49 -8.46 8.07 -9.98
C GLY A 49 -7.51 8.72 -9.00
N ARG A 50 -8.02 9.76 -8.34
CA ARG A 50 -7.31 10.47 -7.29
C ARG A 50 -8.27 10.68 -6.12
N MET A 51 -7.70 10.89 -4.94
CA MET A 51 -8.49 11.24 -3.77
C MET A 51 -7.81 12.38 -3.03
N HIS A 52 -8.63 13.27 -2.47
CA HIS A 52 -8.16 14.39 -1.68
C HIS A 52 -8.39 14.10 -0.20
N LEU A 53 -7.41 14.47 0.62
CA LEU A 53 -7.57 14.33 2.06
C LEU A 53 -7.72 15.72 2.65
N PRO A 54 -8.89 16.09 3.14
CA PRO A 54 -9.10 17.47 3.65
C PRO A 54 -8.57 17.64 5.06
N VAL A 55 -7.25 17.79 5.16
CA VAL A 55 -6.55 17.88 6.43
C VAL A 55 -6.00 19.26 6.72
N ALA A 56 -6.25 20.24 5.84
CA ALA A 56 -5.50 21.49 5.83
C ALA A 56 -6.46 22.68 5.86
N PRO A 57 -7.12 22.94 6.99
CA PRO A 57 -8.19 23.95 6.99
C PRO A 57 -7.70 25.39 6.95
N LYS A 58 -6.54 25.70 7.52
CA LYS A 58 -6.10 27.09 7.56
C LYS A 58 -5.59 27.52 6.18
N CYS A 59 -5.78 28.80 5.89
CA CYS A 59 -5.17 29.45 4.74
C CYS A 59 -4.37 30.66 5.20
N ASN A 60 -3.40 31.04 4.37
CA ASN A 60 -2.50 32.15 4.68
C ASN A 60 -2.65 33.34 3.75
N ILE A 61 -3.58 33.31 2.81
CA ILE A 61 -3.88 34.46 1.97
C ILE A 61 -5.40 34.59 1.87
N GLN A 62 -5.85 35.63 1.15
CA GLN A 62 -7.26 35.79 0.86
C GLN A 62 -7.38 36.24 -0.59
N CYS A 63 -7.83 35.32 -1.44
CA CYS A 63 -8.08 35.61 -2.84
C CYS A 63 -9.40 36.35 -2.94
N LYS A 64 -9.47 37.32 -3.87
CA LYS A 64 -10.68 38.12 -4.01
C LYS A 64 -11.84 37.36 -4.64
N TYR A 65 -11.64 36.10 -5.04
CA TYR A 65 -12.71 35.26 -5.58
C TYR A 65 -13.11 34.15 -4.62
N CYS A 66 -12.61 34.17 -3.39
CA CYS A 66 -12.78 33.06 -2.46
C CYS A 66 -13.64 33.46 -1.28
N ILE A 67 -14.64 32.62 -0.97
CA ILE A 67 -15.32 32.60 0.32
C ILE A 67 -14.74 31.44 1.12
N ARG A 68 -14.11 31.74 2.25
CA ARG A 68 -13.37 30.72 3.01
C ARG A 68 -14.25 29.60 3.55
N ASP A 69 -15.57 29.77 3.58
CA ASP A 69 -16.45 28.67 3.99
C ASP A 69 -16.25 27.44 3.14
N PHE A 70 -15.79 27.60 1.90
CA PHE A 70 -15.78 26.55 0.91
C PHE A 70 -14.36 26.09 0.61
N ASP A 71 -14.21 24.80 0.34
CA ASP A 71 -12.92 24.21 0.02
C ASP A 71 -12.23 25.02 -1.06
N CYS A 72 -10.92 25.24 -0.87
CA CYS A 72 -10.12 26.09 -1.74
C CYS A 72 -10.50 25.92 -3.21
N VAL A 73 -11.11 26.96 -3.78
CA VAL A 73 -11.68 26.85 -5.11
C VAL A 73 -10.62 26.78 -6.21
N ASN A 74 -9.34 26.97 -5.88
CA ASN A 74 -8.30 26.77 -6.87
C ASN A 74 -8.21 25.31 -7.29
N GLU A 75 -8.55 24.39 -6.38
CA GLU A 75 -8.36 22.97 -6.65
C GLU A 75 -9.62 22.17 -6.34
N SER A 76 -10.76 22.82 -6.26
CA SER A 76 -12.02 22.16 -5.96
C SER A 76 -13.14 22.81 -6.75
N ARG A 77 -14.18 22.03 -7.05
CA ARG A 77 -15.40 22.61 -7.57
C ARG A 77 -15.99 23.56 -6.53
N PRO A 78 -16.75 24.57 -6.95
CA PRO A 78 -17.15 25.62 -6.01
C PRO A 78 -18.20 25.14 -5.03
N GLY A 79 -18.23 25.83 -3.88
CA GLY A 79 -19.35 25.74 -2.98
C GLY A 79 -19.35 24.49 -2.13
N VAL A 80 -18.22 23.79 -2.04
CA VAL A 80 -18.10 22.51 -1.34
C VAL A 80 -17.57 22.77 0.06
N THR A 81 -18.14 22.07 1.04
CA THR A 81 -17.68 22.11 2.42
C THR A 81 -17.27 20.70 2.84
N SER A 82 -15.98 20.45 2.98
CA SER A 82 -15.51 19.14 3.38
C SER A 82 -15.43 19.06 4.90
N ARG A 83 -15.69 17.85 5.41
CA ARG A 83 -15.35 17.55 6.79
C ARG A 83 -13.84 17.50 6.96
N VAL A 84 -13.33 18.25 7.93
CA VAL A 84 -11.89 18.28 8.17
C VAL A 84 -11.49 16.99 8.89
N LEU A 85 -10.42 16.36 8.42
CA LEU A 85 -9.91 15.12 8.99
C LEU A 85 -8.59 15.37 9.71
N THR A 86 -8.38 14.67 10.81
CA THR A 86 -7.05 14.62 11.40
C THR A 86 -6.18 13.70 10.55
N PRO A 87 -4.86 13.78 10.68
CA PRO A 87 -3.99 12.86 9.95
C PRO A 87 -4.35 11.39 10.13
N GLN A 88 -4.70 10.99 11.35
CA GLN A 88 -5.07 9.59 11.59
CA GLN A 88 -5.07 9.59 11.59
C GLN A 88 -6.34 9.22 10.86
N GLU A 89 -7.36 10.09 10.91
CA GLU A 89 -8.60 9.83 10.20
C GLU A 89 -8.38 9.78 8.70
N ALA A 90 -7.52 10.67 8.17
CA ALA A 90 -7.25 10.69 6.75
C ALA A 90 -6.60 9.39 6.30
N LEU A 91 -5.65 8.87 7.09
CA LEU A 91 -5.04 7.59 6.78
C LEU A 91 -6.10 6.48 6.78
N GLU A 92 -7.04 6.53 7.72
CA GLU A 92 -8.10 5.54 7.75
C GLU A 92 -8.99 5.63 6.52
N ARG A 93 -9.24 6.83 6.01
CA ARG A 93 -10.02 6.95 4.78
C ARG A 93 -9.27 6.35 3.60
N VAL A 94 -7.95 6.55 3.54
CA VAL A 94 -7.14 5.93 2.50
C VAL A 94 -7.27 4.42 2.57
N ASP A 95 -7.14 3.85 3.77
CA ASP A 95 -7.31 2.41 3.95
C ASP A 95 -8.60 1.92 3.30
N GLU A 96 -9.72 2.59 3.60
CA GLU A 96 -11.01 2.10 3.14
C GLU A 96 -11.19 2.31 1.64
N VAL A 97 -10.72 3.44 1.12
CA VAL A 97 -10.84 3.69 -0.33
C VAL A 97 -10.00 2.67 -1.09
N LEU A 98 -8.75 2.46 -0.67
CA LEU A 98 -7.90 1.47 -1.31
C LEU A 98 -8.45 0.05 -1.17
N SER A 99 -9.43 -0.17 -0.30
CA SER A 99 -10.07 -1.48 -0.24
C SER A 99 -11.23 -1.61 -1.23
N LYS A 100 -12.12 -0.61 -1.26
CA LYS A 100 -13.26 -0.68 -2.16
C LYS A 100 -12.87 -0.42 -3.60
N TYR A 101 -11.77 0.30 -3.85
CA TYR A 101 -11.40 0.65 -5.21
C TYR A 101 -9.92 0.39 -5.40
N HIS A 102 -9.58 -0.01 -6.62
CA HIS A 102 -8.19 -0.21 -6.99
C HIS A 102 -7.68 0.73 -8.07
N TYR A 103 -8.53 1.57 -8.67
CA TYR A 103 -8.07 2.49 -9.70
C TYR A 103 -7.36 3.70 -9.13
N ILE A 104 -7.25 3.83 -7.81
CA ILE A 104 -6.71 5.03 -7.19
C ILE A 104 -5.19 5.00 -7.29
N LYS A 105 -4.63 5.97 -8.01
CA LYS A 105 -3.18 6.08 -8.18
C LYS A 105 -2.56 7.23 -7.40
N VAL A 106 -3.36 8.24 -7.02
CA VAL A 106 -2.85 9.48 -6.46
C VAL A 106 -3.59 9.78 -5.16
N VAL A 107 -2.84 10.24 -4.16
CA VAL A 107 -3.38 10.79 -2.93
C VAL A 107 -2.83 12.20 -2.76
N ALA A 108 -3.71 13.15 -2.48
CA ALA A 108 -3.32 14.55 -2.50
C ALA A 108 -3.94 15.28 -1.32
N VAL A 109 -3.29 16.37 -0.93
CA VAL A 109 -3.87 17.34 -0.02
C VAL A 109 -4.02 18.64 -0.80
N ALA A 110 -5.23 19.16 -0.85
CA ALA A 110 -5.53 20.34 -1.65
C ALA A 110 -6.44 21.31 -0.92
N GLY A 111 -6.80 21.03 0.33
CA GLY A 111 -7.70 21.89 1.05
C GLY A 111 -8.02 21.34 2.43
N PRO A 112 -9.05 21.90 3.08
CA PRO A 112 -9.96 22.93 2.54
C PRO A 112 -9.31 24.33 2.38
N GLY A 113 -8.17 24.54 3.02
CA GLY A 113 -7.42 25.79 2.90
C GLY A 113 -6.12 25.60 2.13
N GLU A 114 -5.03 26.16 2.67
CA GLU A 114 -3.75 26.12 1.98
C GLU A 114 -2.96 24.97 2.57
N PRO A 115 -2.70 23.90 1.80
CA PRO A 115 -2.01 22.73 2.37
C PRO A 115 -0.72 23.05 3.10
N LEU A 116 0.13 23.93 2.57
CA LEU A 116 1.42 24.17 3.21
C LEU A 116 1.35 25.00 4.47
N ALA A 117 0.17 25.58 4.78
CA ALA A 117 0.00 26.38 6.00
C ALA A 117 -0.47 25.54 7.18
N ASN A 118 -0.52 24.22 7.02
CA ASN A 118 -1.06 23.34 8.05
C ASN A 118 -0.08 22.20 8.27
N GLU A 119 0.41 22.05 9.51
CA GLU A 119 1.35 20.96 9.77
C GLU A 119 0.71 19.61 9.50
N GLU A 120 -0.62 19.51 9.61
CA GLU A 120 -1.29 18.24 9.40
C GLU A 120 -1.10 17.72 7.99
N THR A 121 -0.83 18.61 7.02
CA THR A 121 -0.55 18.17 5.67
C THR A 121 0.67 17.27 5.64
N PHE A 122 1.74 17.70 6.32
CA PHE A 122 3.00 16.96 6.29
C PHE A 122 2.89 15.67 7.08
N GLU A 123 2.16 15.70 8.20
CA GLU A 123 1.97 14.49 8.98
C GLU A 123 1.14 13.47 8.21
N THR A 124 0.13 13.93 7.48
CA THR A 124 -0.73 13.03 6.72
C THR A 124 0.03 12.35 5.59
N LEU A 125 0.75 13.13 4.79
CA LEU A 125 1.46 12.56 3.65
C LEU A 125 2.63 11.72 4.08
N ARG A 126 3.20 12.01 5.25
CA ARG A 126 4.21 11.13 5.82
C ARG A 126 3.60 9.78 6.21
N LEU A 127 2.40 9.80 6.79
CA LEU A 127 1.73 8.55 7.13
C LEU A 127 1.33 7.75 5.89
N VAL A 128 0.77 8.43 4.89
CA VAL A 128 0.32 7.73 3.69
C VAL A 128 1.52 7.15 2.92
N GLY A 129 2.56 7.96 2.73
CA GLY A 129 3.70 7.52 1.95
C GLY A 129 4.41 6.32 2.56
N GLU A 130 4.49 6.30 3.89
CA GLU A 130 5.20 5.23 4.55
C GLU A 130 4.42 3.92 4.51
N LYS A 131 3.09 3.98 4.55
CA LYS A 131 2.28 2.78 4.51
C LYS A 131 1.99 2.30 3.09
N TYR A 132 1.86 3.22 2.13
CA TYR A 132 1.50 2.92 0.75
C TYR A 132 2.49 3.59 -0.18
N PRO A 133 3.70 3.04 -0.30
CA PRO A 133 4.71 3.66 -1.17
C PRO A 133 4.36 3.69 -2.65
N HIS A 134 3.39 2.88 -3.10
CA HIS A 134 3.01 2.88 -4.51
C HIS A 134 2.25 4.14 -4.89
N LEU A 135 1.57 4.78 -3.94
CA LEU A 135 0.75 5.93 -4.26
C LEU A 135 1.60 7.13 -4.67
N ILE A 136 1.12 7.85 -5.68
CA ILE A 136 1.73 9.13 -6.04
C ILE A 136 1.23 10.17 -5.07
N LEU A 137 2.15 10.90 -4.47
CA LEU A 137 1.80 11.92 -3.49
C LEU A 137 1.87 13.29 -4.15
N CYS A 138 0.78 14.05 -3.99
CA CYS A 138 0.54 15.28 -4.72
C CYS A 138 0.06 16.33 -3.75
N ILE A 139 0.40 17.59 -4.01
CA ILE A 139 -0.12 18.70 -3.24
C ILE A 139 -0.43 19.87 -4.16
N SER A 140 -1.39 20.66 -3.74
CA SER A 140 -1.72 21.95 -4.34
C SER A 140 -1.33 23.04 -3.36
N THR A 141 -0.93 24.19 -3.88
CA THR A 141 -0.54 25.29 -3.02
C THR A 141 -0.75 26.61 -3.74
N ASN A 142 -1.01 27.67 -2.96
CA ASN A 142 -0.95 29.01 -3.52
C ASN A 142 0.49 29.50 -3.69
N GLY A 143 1.47 28.74 -3.19
CA GLY A 143 2.87 29.02 -3.44
C GLY A 143 3.55 29.88 -2.40
N LEU A 144 2.81 30.53 -1.51
CA LEU A 144 3.43 31.45 -0.56
C LEU A 144 4.46 30.74 0.32
N LEU A 145 4.15 29.54 0.80
CA LEU A 145 5.06 28.82 1.67
C LEU A 145 5.87 27.75 0.92
N LEU A 146 5.79 27.73 -0.41
CA LEU A 146 6.52 26.70 -1.16
C LEU A 146 8.03 26.79 -0.95
N PRO A 147 8.67 27.97 -0.99
CA PRO A 147 10.12 27.99 -0.72
C PRO A 147 10.46 27.46 0.66
N ASP A 148 9.65 27.76 1.67
CA ASP A 148 9.95 27.36 3.04
C ASP A 148 9.70 25.89 3.29
N ARG A 149 8.80 25.26 2.54
CA ARG A 149 8.40 23.89 2.83
C ARG A 149 8.78 22.89 1.75
N ILE A 150 9.41 23.32 0.65
CA ILE A 150 9.71 22.41 -0.44
C ILE A 150 10.64 21.30 0.03
N GLU A 151 11.56 21.62 0.94
CA GLU A 151 12.47 20.60 1.46
C GLU A 151 11.70 19.51 2.20
N ASP A 152 10.67 19.89 2.97
CA ASP A 152 9.85 18.90 3.66
C ASP A 152 9.07 18.05 2.67
N LEU A 153 8.49 18.67 1.65
CA LEU A 153 7.71 17.93 0.66
C LEU A 153 8.59 16.90 -0.04
N ASP A 154 9.78 17.32 -0.45
CA ASP A 154 10.73 16.40 -1.07
C ASP A 154 11.08 15.26 -0.13
N ARG A 155 11.33 15.56 1.14
CA ARG A 155 11.79 14.53 2.04
C ARG A 155 10.68 13.51 2.31
N ILE A 156 9.42 13.96 2.36
CA ILE A 156 8.29 13.05 2.58
C ILE A 156 7.81 12.32 1.33
N GLY A 157 8.37 12.62 0.15
CA GLY A 157 8.07 11.89 -1.07
C GLY A 157 7.07 12.49 -2.02
N VAL A 158 6.68 13.75 -1.85
CA VAL A 158 5.80 14.40 -2.82
C VAL A 158 6.55 14.57 -4.14
N THR A 159 5.92 14.10 -5.23
CA THR A 159 6.55 14.17 -6.55
C THR A 159 5.84 15.11 -7.51
N ASN A 160 4.63 15.54 -7.19
CA ASN A 160 3.82 16.36 -8.08
C ASN A 160 3.28 17.51 -7.26
N ILE A 161 3.37 18.72 -7.80
CA ILE A 161 3.00 19.94 -7.08
C ILE A 161 2.20 20.83 -8.01
N THR A 162 1.06 21.31 -7.53
CA THR A 162 0.29 22.30 -8.26
C THR A 162 0.43 23.63 -7.54
N VAL A 163 0.81 24.67 -8.28
CA VAL A 163 0.88 26.02 -7.75
C VAL A 163 -0.16 26.84 -8.51
N THR A 164 -0.97 27.60 -7.78
CA THR A 164 -1.90 28.52 -8.44
C THR A 164 -1.20 29.86 -8.60
N LEU A 165 -0.95 30.24 -9.85
CA LEU A 165 -0.19 31.45 -10.19
C LEU A 165 -1.07 32.29 -11.08
N ASN A 166 -1.61 33.38 -10.54
CA ASN A 166 -2.59 34.19 -11.24
C ASN A 166 -1.98 35.44 -11.84
N ALA A 167 -0.72 35.73 -11.54
CA ALA A 167 -0.04 36.91 -12.05
C ALA A 167 1.46 36.72 -11.89
N VAL A 168 2.22 37.21 -12.86
CA VAL A 168 3.66 37.37 -12.73
C VAL A 168 4.05 38.84 -12.73
N ASP A 169 3.06 39.72 -12.70
CA ASP A 169 3.24 41.15 -12.49
C ASP A 169 2.53 41.51 -11.19
N PRO A 170 3.23 42.03 -10.18
CA PRO A 170 2.58 42.24 -8.89
C PRO A 170 1.54 43.35 -8.90
N THR A 171 1.60 44.27 -9.87
CA THR A 171 0.52 45.25 -9.98
C THR A 171 -0.79 44.59 -10.39
N ILE A 172 -0.70 43.50 -11.16
CA ILE A 172 -1.88 42.69 -11.43
C ILE A 172 -2.20 41.80 -10.24
N GLY A 173 -1.18 41.22 -9.60
CA GLY A 173 -1.41 40.45 -8.38
C GLY A 173 -2.19 41.23 -7.33
N GLU A 174 -1.90 42.53 -7.20
CA GLU A 174 -2.54 43.33 -6.17
C GLU A 174 -4.05 43.39 -6.39
N GLN A 175 -4.50 43.25 -7.64
CA GLN A 175 -5.92 43.26 -7.97
C GLN A 175 -6.61 41.95 -7.63
N ILE A 176 -5.87 40.94 -7.18
CA ILE A 176 -6.43 39.60 -7.01
C ILE A 176 -6.44 39.15 -5.55
N TYR A 177 -5.64 39.74 -4.67
CA TYR A 177 -5.50 39.30 -3.29
C TYR A 177 -5.82 40.43 -2.33
N ASP A 178 -6.61 40.12 -1.29
CA ASP A 178 -6.84 41.08 -0.22
C ASP A 178 -5.61 41.21 0.66
N TYR A 179 -4.98 40.09 1.00
CA TYR A 179 -3.85 40.12 1.92
C TYR A 179 -3.11 38.79 1.81
N VAL A 180 -1.90 38.78 2.35
CA VAL A 180 -1.14 37.55 2.58
C VAL A 180 -0.63 37.62 4.01
N ILE A 181 -0.53 36.44 4.63
CA ILE A 181 0.03 36.29 5.97
C ILE A 181 1.32 35.51 5.81
N TYR A 182 2.44 36.16 6.10
CA TYR A 182 3.74 35.51 5.91
C TYR A 182 4.61 35.79 7.12
N LYS A 183 5.10 34.72 7.75
CA LYS A 183 5.99 34.79 8.91
C LYS A 183 5.45 35.72 9.99
N GLY A 184 4.17 35.56 10.31
CA GLY A 184 3.63 36.30 11.44
C GLY A 184 3.20 37.71 11.17
N GLU A 185 3.01 38.08 9.91
CA GLU A 185 2.57 39.43 9.58
C GLU A 185 1.61 39.39 8.40
N ARG A 186 0.52 40.13 8.53
CA ARG A 186 -0.45 40.29 7.47
C ARG A 186 -0.08 41.53 6.66
N TYR A 187 0.02 41.37 5.34
CA TYR A 187 0.37 42.44 4.43
C TYR A 187 -0.79 42.64 3.45
N GLU A 188 -0.96 43.87 2.97
CA GLU A 188 -1.98 44.18 1.98
C GLU A 188 -1.34 44.88 0.79
N GLY A 189 -2.14 45.03 -0.27
CA GLY A 189 -1.72 45.88 -1.36
C GLY A 189 -0.56 45.32 -2.17
N LEU A 190 0.20 46.24 -2.76
CA LEU A 190 1.30 45.84 -3.64
C LEU A 190 2.37 45.07 -2.88
N GLU A 191 2.65 45.47 -1.63
CA GLU A 191 3.62 44.74 -0.82
C GLU A 191 3.24 43.27 -0.68
N ALA A 192 1.97 43.01 -0.35
CA ALA A 192 1.49 41.64 -0.25
C ALA A 192 1.68 40.89 -1.57
N ALA A 193 1.31 41.54 -2.69
CA ALA A 193 1.42 40.91 -3.99
C ALA A 193 2.88 40.60 -4.35
N LYS A 194 3.80 41.51 -4.00
CA LYS A 194 5.21 41.27 -4.29
C LYS A 194 5.76 40.14 -3.43
N ILE A 195 5.35 40.06 -2.17
CA ILE A 195 5.82 38.98 -1.32
C ILE A 195 5.32 37.64 -1.86
N LEU A 196 4.05 37.60 -2.26
CA LEU A 196 3.48 36.36 -2.78
C LEU A 196 4.21 35.94 -4.05
N LEU A 197 4.36 36.86 -5.00
CA LEU A 197 4.94 36.48 -6.29
C LEU A 197 6.38 36.03 -6.17
N ASP A 198 7.19 36.74 -5.39
CA ASP A 198 8.58 36.35 -5.20
C ASP A 198 8.68 34.94 -4.63
N ASN A 199 7.81 34.60 -3.66
CA ASN A 199 7.83 33.26 -3.08
C ASN A 199 7.33 32.22 -4.07
N GLN A 200 6.26 32.51 -4.81
CA GLN A 200 5.79 31.58 -5.83
C GLN A 200 6.89 31.23 -6.83
N LEU A 201 7.59 32.24 -7.33
CA LEU A 201 8.62 31.98 -8.32
C LEU A 201 9.80 31.23 -7.72
N LYS A 202 10.27 31.64 -6.54
CA LYS A 202 11.35 30.91 -5.89
C LYS A 202 10.95 29.46 -5.59
N GLY A 203 9.70 29.24 -5.19
CA GLY A 203 9.29 27.89 -4.85
C GLY A 203 9.17 27.00 -6.08
N ILE A 204 8.61 27.54 -7.17
CA ILE A 204 8.53 26.79 -8.42
C ILE A 204 9.92 26.44 -8.92
N GLU A 205 10.82 27.43 -8.92
CA GLU A 205 12.20 27.17 -9.33
C GLU A 205 12.82 26.06 -8.50
N GLU A 206 12.62 26.09 -7.17
CA GLU A 206 13.23 25.09 -6.32
C GLU A 206 12.58 23.73 -6.52
N ALA A 207 11.25 23.70 -6.69
CA ALA A 207 10.55 22.45 -6.98
C ALA A 207 11.07 21.83 -8.27
N VAL A 208 11.25 22.64 -9.31
CA VAL A 208 11.77 22.14 -10.59
C VAL A 208 13.19 21.63 -10.41
N ARG A 209 14.03 22.37 -9.67
CA ARG A 209 15.41 21.92 -9.46
C ARG A 209 15.43 20.56 -8.78
N ARG A 210 14.46 20.29 -7.90
CA ARG A 210 14.39 19.02 -7.19
C ARG A 210 13.65 17.95 -7.99
N LYS A 211 13.48 18.18 -9.29
CA LYS A 211 12.90 17.21 -10.22
CA LYS A 211 12.90 17.21 -10.21
C LYS A 211 11.44 16.89 -9.88
N LYS A 212 10.73 17.83 -9.28
CA LYS A 212 9.29 17.68 -9.07
C LYS A 212 8.54 18.03 -10.34
N ILE A 213 7.41 17.37 -10.55
CA ILE A 213 6.56 17.66 -11.69
C ILE A 213 5.58 18.75 -11.28
N VAL A 214 5.67 19.89 -11.94
CA VAL A 214 4.95 21.09 -11.52
C VAL A 214 3.82 21.38 -12.50
N LYS A 215 2.61 21.54 -11.96
CA LYS A 215 1.47 22.05 -12.70
CA LYS A 215 1.47 22.04 -12.70
C LYS A 215 1.12 23.42 -12.18
N VAL A 216 0.82 24.35 -13.08
CA VAL A 216 0.43 25.70 -12.68
C VAL A 216 -1.03 25.90 -13.06
N ASN A 217 -1.85 26.24 -12.08
CA ASN A 217 -3.21 26.70 -12.33
C ASN A 217 -3.22 28.21 -12.49
N THR A 218 -4.06 28.70 -13.40
CA THR A 218 -4.33 30.13 -13.50
C THR A 218 -5.83 30.34 -13.60
N VAL A 219 -6.38 31.15 -12.70
CA VAL A 219 -7.79 31.52 -12.76
C VAL A 219 -7.90 32.64 -13.78
N LEU A 220 -8.71 32.42 -14.81
CA LEU A 220 -8.88 33.41 -15.86
C LEU A 220 -9.92 34.43 -15.43
N ILE A 221 -9.48 35.64 -15.13
CA ILE A 221 -10.32 36.68 -14.56
C ILE A 221 -10.50 37.78 -15.59
N PRO A 222 -11.64 37.85 -16.27
CA PRO A 222 -11.79 38.85 -17.35
C PRO A 222 -11.58 40.26 -16.83
N GLY A 223 -10.79 41.03 -17.58
CA GLY A 223 -10.49 42.40 -17.22
C GLY A 223 -9.35 42.57 -16.26
N ILE A 224 -8.81 41.49 -15.69
CA ILE A 224 -7.75 41.58 -14.69
CA ILE A 224 -7.74 41.60 -14.71
C ILE A 224 -6.48 40.92 -15.19
N ASN A 225 -6.56 39.62 -15.50
CA ASN A 225 -5.39 38.89 -15.97
C ASN A 225 -5.64 38.13 -17.27
N ASP A 226 -6.73 38.44 -17.98
CA ASP A 226 -7.13 37.60 -19.11
C ASP A 226 -6.25 37.78 -20.34
N LYS A 227 -5.50 38.87 -20.45
CA LYS A 227 -4.40 38.91 -21.43
C LYS A 227 -3.04 38.73 -20.78
N HIS A 228 -2.92 38.99 -19.48
CA HIS A 228 -1.66 38.74 -18.77
C HIS A 228 -1.31 37.26 -18.74
N VAL A 229 -2.30 36.37 -18.92
CA VAL A 229 -2.02 34.94 -18.86
C VAL A 229 -0.98 34.53 -19.89
N PHE A 230 -0.88 35.25 -21.00
CA PHE A 230 0.20 34.99 -21.97
C PHE A 230 1.57 35.18 -21.32
N ASP A 231 1.73 36.26 -20.56
CA ASP A 231 2.99 36.49 -19.84
C ASP A 231 3.24 35.40 -18.80
N ILE A 232 2.18 34.93 -18.13
CA ILE A 232 2.33 33.84 -17.16
C ILE A 232 2.85 32.60 -17.86
N ALA A 233 2.22 32.22 -18.98
CA ALA A 233 2.61 31.01 -19.69
C ALA A 233 4.06 31.06 -20.13
N ARG A 234 4.50 32.19 -20.69
CA ARG A 234 5.89 32.30 -21.12
C ARG A 234 6.85 32.13 -19.94
N LYS A 235 6.54 32.77 -18.81
CA LYS A 235 7.42 32.70 -17.65
C LYS A 235 7.53 31.28 -17.11
N ILE A 236 6.38 30.60 -16.91
CA ILE A 236 6.44 29.25 -16.33
C ILE A 236 7.06 28.27 -17.32
N LYS A 237 6.93 28.53 -18.62
CA LYS A 237 7.56 27.67 -19.61
C LYS A 237 9.08 27.73 -19.49
N SER A 238 9.63 28.93 -19.37
CA SER A 238 11.07 29.07 -19.21
C SER A 238 11.56 28.45 -17.91
N MET A 239 10.72 28.44 -16.88
CA MET A 239 11.10 27.94 -15.57
C MET A 239 11.03 26.41 -15.46
N GLY A 240 10.48 25.72 -16.46
CA GLY A 240 10.41 24.27 -16.40
C GLY A 240 9.14 23.68 -15.86
N VAL A 241 8.06 24.47 -15.75
CA VAL A 241 6.77 23.92 -15.41
C VAL A 241 6.31 22.94 -16.48
N PHE A 242 5.67 21.86 -16.05
CA PHE A 242 5.33 20.80 -16.99
C PHE A 242 4.02 21.07 -17.71
N ILE A 243 3.00 21.56 -17.02
CA ILE A 243 1.69 21.72 -17.63
C ILE A 243 0.97 22.91 -17.00
N HIS A 244 0.10 23.53 -17.77
CA HIS A 244 -0.60 24.75 -17.40
C HIS A 244 -2.10 24.49 -17.47
N ASN A 245 -2.82 24.84 -16.41
CA ASN A 245 -4.26 24.62 -16.33
C ASN A 245 -4.95 25.96 -16.16
N VAL A 246 -5.53 26.48 -17.24
CA VAL A 246 -6.25 27.73 -17.20
C VAL A 246 -7.71 27.45 -16.86
N MET A 247 -8.17 28.00 -15.74
CA MET A 247 -9.50 27.75 -15.21
C MET A 247 -10.34 29.02 -15.30
N PRO A 248 -11.57 28.93 -15.79
CA PRO A 248 -12.44 30.12 -15.80
C PRO A 248 -12.77 30.56 -14.37
N LEU A 249 -12.78 31.88 -14.18
CA LEU A 249 -13.27 32.44 -12.92
C LEU A 249 -14.64 31.89 -12.56
N ILE A 250 -14.78 31.50 -11.29
CA ILE A 250 -16.09 31.26 -10.69
C ILE A 250 -16.42 32.54 -9.91
N PRO A 251 -17.32 33.39 -10.43
CA PRO A 251 -17.52 34.71 -9.80
C PRO A 251 -18.05 34.57 -8.38
N GLN A 252 -17.33 35.20 -7.44
CA GLN A 252 -17.60 35.01 -6.02
C GLN A 252 -16.82 36.06 -5.24
N TYR A 253 -17.28 36.34 -4.03
CA TYR A 253 -16.67 37.35 -3.14
C TYR A 253 -16.53 38.65 -3.94
N LYS A 254 -15.36 39.30 -3.96
CA LYS A 254 -15.24 40.61 -4.59
C LYS A 254 -15.29 40.52 -6.11
N PHE A 255 -15.20 39.32 -6.69
CA PHE A 255 -15.33 39.15 -8.12
C PHE A 255 -16.71 38.61 -8.50
N ALA A 256 -17.68 38.70 -7.58
CA ALA A 256 -19.01 38.15 -7.81
C ALA A 256 -19.73 38.80 -8.98
N HIS A 257 -19.33 40.01 -9.38
CA HIS A 257 -20.02 40.70 -10.46
C HIS A 257 -19.34 40.49 -11.80
N ILE A 258 -18.14 39.90 -11.83
CA ILE A 258 -17.41 39.75 -13.08
C ILE A 258 -18.08 38.67 -13.92
N LYS A 259 -18.28 38.95 -15.20
CA LYS A 259 -18.81 37.96 -16.12
C LYS A 259 -17.72 36.94 -16.42
N PRO A 260 -17.90 35.66 -16.12
CA PRO A 260 -16.84 34.68 -16.36
C PRO A 260 -16.61 34.50 -17.85
N PRO A 261 -15.43 34.00 -18.24
CA PRO A 261 -15.21 33.72 -19.66
C PRO A 261 -16.14 32.62 -20.14
N THR A 262 -16.71 32.83 -21.33
CA THR A 262 -17.51 31.81 -21.96
C THR A 262 -16.63 30.60 -22.29
N PRO A 263 -17.24 29.42 -22.46
CA PRO A 263 -16.45 28.26 -22.91
C PRO A 263 -15.61 28.52 -24.14
N GLU A 264 -16.21 29.04 -25.22
CA GLU A 264 -15.44 29.29 -26.44
CA GLU A 264 -15.43 29.28 -26.43
C GLU A 264 -14.32 30.29 -26.20
N GLU A 265 -14.57 31.31 -25.36
CA GLU A 265 -13.50 32.23 -25.00
C GLU A 265 -12.35 31.50 -24.33
N LYS A 266 -12.68 30.56 -23.44
CA LYS A 266 -11.64 29.82 -22.73
CA LYS A 266 -11.65 29.82 -22.72
C LYS A 266 -10.87 28.92 -23.67
N ARG A 267 -11.56 28.20 -24.57
CA ARG A 267 -10.86 27.32 -25.48
CA ARG A 267 -10.88 27.32 -25.50
C ARG A 267 -9.96 28.10 -26.43
N ALA A 268 -10.35 29.31 -26.81
CA ALA A 268 -9.52 30.11 -27.71
C ALA A 268 -8.22 30.50 -27.03
N ILE A 269 -8.30 30.94 -25.77
CA ILE A 269 -7.09 31.25 -25.01
C ILE A 269 -6.24 30.00 -24.83
N GLN A 270 -6.88 28.89 -24.44
CA GLN A 270 -6.15 27.64 -24.21
C GLN A 270 -5.44 27.17 -25.47
N ASP A 271 -6.12 27.27 -26.62
CA ASP A 271 -5.50 26.87 -27.88
C ASP A 271 -4.27 27.69 -28.21
N GLU A 272 -4.34 29.01 -27.97
CA GLU A 272 -3.18 29.86 -28.20
C GLU A 272 -2.08 29.58 -27.20
N LEU A 273 -2.43 29.35 -25.94
CA LEU A 273 -1.43 29.09 -24.92
C LEU A 273 -0.77 27.73 -25.11
N SER A 274 -1.41 26.81 -25.83
CA SER A 274 -0.81 25.51 -26.08
CA SER A 274 -0.81 25.51 -26.08
C SER A 274 0.45 25.62 -26.93
N LYS A 275 0.56 26.68 -27.73
CA LYS A 275 1.78 26.88 -28.52
C LYS A 275 2.95 27.32 -27.66
N ILE A 276 2.71 27.77 -26.44
CA ILE A 276 3.74 28.13 -25.49
C ILE A 276 4.07 26.98 -24.55
N ILE A 277 3.04 26.40 -23.94
CA ILE A 277 3.21 25.38 -22.91
C ILE A 277 2.00 24.44 -22.95
N LYS A 278 2.26 23.16 -22.68
CA LYS A 278 1.21 22.15 -22.63
C LYS A 278 0.08 22.61 -21.72
N GLN A 279 -1.16 22.47 -22.20
CA GLN A 279 -2.34 22.87 -21.46
C GLN A 279 -3.11 21.66 -20.95
N MET A 280 -3.61 21.74 -19.72
CA MET A 280 -4.49 20.70 -19.18
C MET A 280 -5.90 20.93 -19.71
N ARG A 281 -6.49 19.94 -20.36
CA ARG A 281 -7.70 20.20 -21.14
C ARG A 281 -8.92 19.63 -20.41
N GLN B 30 -12.99 -7.79 13.25
CA GLN B 30 -12.46 -8.27 14.53
C GLN B 30 -10.98 -7.96 14.66
N LEU B 31 -10.15 -9.00 14.62
CA LEU B 31 -8.70 -8.84 14.64
C LEU B 31 -8.19 -8.59 13.22
N ARG B 32 -7.34 -7.58 13.07
CA ARG B 32 -6.84 -7.25 11.74
C ARG B 32 -5.97 -8.35 11.17
N ARG B 33 -5.26 -9.08 12.03
CA ARG B 33 -4.42 -10.19 11.60
C ARG B 33 -5.22 -11.32 10.98
N ILE B 34 -6.54 -11.34 11.16
CA ILE B 34 -7.44 -12.25 10.46
C ILE B 34 -8.18 -11.53 9.35
N ARG B 35 -8.75 -10.37 9.67
CA ARG B 35 -9.63 -9.65 8.75
C ARG B 35 -8.92 -9.30 7.45
N GLU B 36 -7.63 -8.98 7.52
CA GLU B 36 -6.88 -8.55 6.35
C GLU B 36 -5.84 -9.56 5.91
N HIS B 37 -5.90 -10.79 6.41
CA HIS B 37 -4.98 -11.83 5.98
C HIS B 37 -5.69 -12.68 4.94
N PRO B 38 -5.25 -12.69 3.68
CA PRO B 38 -5.98 -13.43 2.63
C PRO B 38 -6.03 -14.93 2.84
N CYS B 39 -5.10 -15.52 3.60
CA CYS B 39 -5.13 -16.95 3.86
C CYS B 39 -5.97 -17.31 5.09
N PHE B 40 -6.44 -16.33 5.85
CA PHE B 40 -7.23 -16.59 7.03
C PHE B 40 -8.66 -16.05 6.90
N SER B 41 -8.98 -15.39 5.79
CA SER B 41 -10.32 -14.87 5.56
C SER B 41 -10.61 -14.89 4.07
N GLU B 42 -11.72 -15.52 3.68
CA GLU B 42 -12.13 -15.52 2.28
C GLU B 42 -12.30 -14.09 1.76
N LYS B 43 -12.92 -13.22 2.55
CA LYS B 43 -13.16 -11.85 2.10
C LYS B 43 -11.86 -11.11 1.85
N ALA B 44 -10.85 -11.35 2.70
CA ALA B 44 -9.55 -10.71 2.48
C ALA B 44 -8.87 -11.26 1.24
N CYS B 45 -9.20 -12.50 0.85
CA CYS B 45 -8.51 -13.14 -0.27
C CYS B 45 -8.77 -12.43 -1.58
N HIS B 46 -9.97 -11.86 -1.74
CA HIS B 46 -10.35 -11.14 -2.96
C HIS B 46 -9.97 -9.67 -2.92
N ALA B 47 -9.47 -9.19 -1.79
CA ALA B 47 -9.17 -7.77 -1.60
C ALA B 47 -7.69 -7.51 -1.35
N PHE B 48 -7.00 -8.40 -0.66
CA PHE B 48 -5.64 -8.16 -0.19
C PHE B 48 -4.72 -9.25 -0.71
N GLY B 49 -3.43 -8.92 -0.78
CA GLY B 49 -2.42 -9.83 -1.27
C GLY B 49 -1.40 -10.17 -0.20
N ARG B 50 -0.62 -11.20 -0.49
CA ARG B 50 0.50 -11.58 0.35
C ARG B 50 1.72 -11.76 -0.53
N MET B 51 2.89 -11.79 0.11
CA MET B 51 4.13 -12.06 -0.60
C MET B 51 4.99 -12.97 0.26
N HIS B 52 5.72 -13.86 -0.39
CA HIS B 52 6.67 -14.75 0.26
C HIS B 52 8.08 -14.27 0.00
N LEU B 53 8.92 -14.33 1.03
CA LEU B 53 10.34 -14.00 0.88
C LEU B 53 11.14 -15.28 0.96
N PRO B 54 11.76 -15.74 -0.12
CA PRO B 54 12.45 -17.04 -0.11
C PRO B 54 13.86 -16.93 0.48
N VAL B 55 13.91 -16.85 1.80
CA VAL B 55 15.16 -16.64 2.54
C VAL B 55 15.61 -17.89 3.30
N ALA B 56 14.87 -18.99 3.20
CA ALA B 56 15.04 -20.14 4.09
C ALA B 56 15.25 -21.42 3.30
N PRO B 57 16.43 -21.61 2.73
CA PRO B 57 16.63 -22.77 1.83
C PRO B 57 16.74 -24.11 2.54
N LYS B 58 17.29 -24.16 3.75
CA LYS B 58 17.49 -25.45 4.40
C LYS B 58 16.17 -26.02 4.92
N CYS B 59 16.06 -27.35 4.90
CA CYS B 59 14.96 -28.04 5.56
C CYS B 59 15.53 -29.07 6.53
N ASN B 60 14.73 -29.41 7.55
CA ASN B 60 15.14 -30.35 8.58
C ASN B 60 14.38 -31.67 8.56
N ILE B 61 13.46 -31.88 7.62
CA ILE B 61 12.81 -33.16 7.46
C ILE B 61 12.85 -33.53 5.98
N GLN B 62 12.29 -34.70 5.66
CA GLN B 62 12.08 -35.11 4.28
C GLN B 62 10.71 -35.76 4.17
N CYS B 63 9.77 -35.05 3.56
CA CYS B 63 8.44 -35.58 3.33
C CYS B 63 8.48 -36.50 2.10
N LYS B 64 7.70 -37.58 2.15
CA LYS B 64 7.75 -38.54 1.05
C LYS B 64 7.08 -38.03 -0.21
N TYR B 65 6.50 -36.83 -0.20
CA TYR B 65 5.90 -36.22 -1.38
C TYR B 65 6.72 -35.06 -1.92
N CYS B 66 7.91 -34.83 -1.40
CA CYS B 66 8.70 -33.63 -1.70
C CYS B 66 9.97 -33.98 -2.46
N ILE B 67 10.19 -33.27 -3.56
CA ILE B 67 11.50 -33.17 -4.21
C ILE B 67 12.11 -31.83 -3.78
N ARG B 68 13.24 -31.90 -3.05
CA ARG B 68 13.79 -30.70 -2.43
C ARG B 68 14.24 -29.65 -3.43
N ASP B 69 14.39 -30.01 -4.71
CA ASP B 69 14.71 -28.99 -5.72
C ASP B 69 13.69 -27.87 -5.74
N PHE B 70 12.47 -28.13 -5.29
CA PHE B 70 11.36 -27.22 -5.48
C PHE B 70 10.89 -26.62 -4.15
N ASP B 71 10.44 -25.37 -4.21
CA ASP B 71 9.97 -24.66 -3.03
C ASP B 71 8.97 -25.53 -2.27
N CYS B 72 9.13 -25.56 -0.94
CA CYS B 72 8.34 -26.40 -0.05
C CYS B 72 6.89 -26.48 -0.49
N VAL B 73 6.46 -27.66 -0.93
CA VAL B 73 5.16 -27.83 -1.54
C VAL B 73 4.02 -27.78 -0.51
N ASN B 74 4.35 -27.71 0.78
CA ASN B 74 3.29 -27.48 1.77
C ASN B 74 2.68 -26.09 1.63
N GLU B 75 3.45 -25.12 1.12
CA GLU B 75 3.02 -23.73 1.12
C GLU B 75 3.23 -23.08 -0.24
N SER B 76 3.43 -23.88 -1.29
CA SER B 76 3.71 -23.37 -2.62
C SER B 76 3.06 -24.29 -3.64
N ARG B 77 2.67 -23.70 -4.77
CA ARG B 77 2.33 -24.52 -5.93
C ARG B 77 3.52 -25.38 -6.32
N PRO B 78 3.30 -26.52 -6.97
CA PRO B 78 4.39 -27.48 -7.18
C PRO B 78 5.35 -27.01 -8.26
N GLY B 79 6.57 -27.55 -8.19
CA GLY B 79 7.52 -27.45 -9.27
C GLY B 79 8.16 -26.09 -9.42
N VAL B 80 8.13 -25.26 -8.37
CA VAL B 80 8.64 -23.89 -8.44
C VAL B 80 10.04 -23.88 -7.87
N THR B 81 10.95 -23.15 -8.52
CA THR B 81 12.30 -22.91 -8.02
C THR B 81 12.47 -21.41 -7.83
N SER B 82 12.51 -20.96 -6.58
CA SER B 82 12.69 -19.54 -6.29
C SER B 82 14.18 -19.22 -6.16
N ARG B 83 14.53 -18.00 -6.56
CA ARG B 83 15.84 -17.47 -6.21
C ARG B 83 15.92 -17.22 -4.71
N VAL B 84 16.95 -17.77 -4.07
CA VAL B 84 17.11 -17.57 -2.63
C VAL B 84 17.63 -16.16 -2.37
N LEU B 85 17.03 -15.48 -1.42
CA LEU B 85 17.41 -14.10 -1.09
C LEU B 85 18.06 -14.04 0.28
N THR B 86 19.07 -13.18 0.41
CA THR B 86 19.57 -12.79 1.71
C THR B 86 18.54 -11.89 2.40
N PRO B 87 18.63 -11.74 3.72
CA PRO B 87 17.71 -10.80 4.41
C PRO B 87 17.72 -9.40 3.81
N GLN B 88 18.90 -8.86 3.48
CA GLN B 88 18.96 -7.54 2.87
C GLN B 88 18.23 -7.51 1.53
N GLU B 89 18.51 -8.47 0.67
CA GLU B 89 17.81 -8.56 -0.61
C GLU B 89 16.31 -8.74 -0.41
N ALA B 90 15.90 -9.47 0.64
CA ALA B 90 14.49 -9.68 0.89
C ALA B 90 13.79 -8.37 1.25
N LEU B 91 14.41 -7.57 2.12
CA LEU B 91 13.85 -6.26 2.44
C LEU B 91 13.74 -5.39 1.20
N GLU B 92 14.75 -5.44 0.32
CA GLU B 92 14.69 -4.66 -0.91
C GLU B 92 13.55 -5.15 -1.80
N ARG B 93 13.29 -6.46 -1.79
CA ARG B 93 12.17 -7.00 -2.56
C ARG B 93 10.84 -6.50 -2.00
N VAL B 94 10.72 -6.42 -0.67
CA VAL B 94 9.54 -5.82 -0.07
C VAL B 94 9.40 -4.37 -0.51
N ASP B 95 10.49 -3.60 -0.46
CA ASP B 95 10.46 -2.22 -0.94
C ASP B 95 9.91 -2.16 -2.36
N GLU B 96 10.36 -3.06 -3.23
CA GLU B 96 10.00 -2.95 -4.64
C GLU B 96 8.54 -3.35 -4.86
N VAL B 97 8.08 -4.40 -4.18
CA VAL B 97 6.69 -4.82 -4.33
C VAL B 97 5.74 -3.77 -3.77
N LEU B 98 6.07 -3.19 -2.62
CA LEU B 98 5.21 -2.15 -2.05
C LEU B 98 5.20 -0.90 -2.92
N SER B 99 6.27 -0.65 -3.67
CA SER B 99 6.28 0.48 -4.58
C SER B 99 5.39 0.25 -5.81
N LYS B 100 5.06 -1.02 -6.09
CA LYS B 100 4.25 -1.35 -7.26
C LYS B 100 2.81 -1.68 -6.90
N TYR B 101 2.52 -2.05 -5.65
CA TYR B 101 1.18 -2.48 -5.28
C TYR B 101 0.88 -1.93 -3.89
N HIS B 102 -0.32 -1.37 -3.71
CA HIS B 102 -0.74 -0.90 -2.39
C HIS B 102 -1.61 -1.91 -1.65
N TYR B 103 -1.85 -3.08 -2.23
CA TYR B 103 -2.79 -4.04 -1.66
C TYR B 103 -2.11 -5.14 -0.87
N ILE B 104 -0.78 -5.10 -0.71
CA ILE B 104 -0.08 -6.14 0.02
C ILE B 104 -0.31 -5.92 1.51
N LYS B 105 -0.86 -6.92 2.19
CA LYS B 105 -1.09 -6.82 3.63
C LYS B 105 -0.24 -7.78 4.44
N VAL B 106 0.29 -8.84 3.83
CA VAL B 106 0.97 -9.90 4.55
C VAL B 106 2.34 -10.14 3.91
N VAL B 107 3.36 -10.27 4.75
CA VAL B 107 4.68 -10.70 4.33
C VAL B 107 5.04 -11.97 5.11
N ALA B 108 5.46 -13.00 4.40
CA ALA B 108 5.65 -14.30 5.01
C ALA B 108 6.96 -14.90 4.54
N VAL B 109 7.48 -15.81 5.36
CA VAL B 109 8.55 -16.70 4.95
C VAL B 109 7.97 -18.11 4.99
N ALA B 110 8.06 -18.80 3.86
CA ALA B 110 7.46 -20.12 3.72
C ALA B 110 8.37 -21.10 2.99
N GLY B 111 9.58 -20.71 2.63
CA GLY B 111 10.46 -21.57 1.88
C GLY B 111 11.76 -20.90 1.48
N PRO B 112 12.50 -21.51 0.54
CA PRO B 112 12.14 -22.73 -0.20
C PRO B 112 12.16 -24.00 0.67
N GLY B 113 12.82 -23.94 1.81
CA GLY B 113 12.83 -25.06 2.74
C GLY B 113 11.95 -24.80 3.95
N GLU B 114 12.48 -25.10 5.15
CA GLU B 114 11.72 -24.95 6.38
C GLU B 114 12.10 -23.64 7.04
N PRO B 115 11.19 -22.65 7.10
CA PRO B 115 11.58 -21.33 7.64
C PRO B 115 12.26 -21.35 8.99
N LEU B 116 11.78 -22.15 9.94
CA LEU B 116 12.39 -22.12 11.27
C LEU B 116 13.76 -22.77 11.32
N ALA B 117 14.18 -23.45 10.26
CA ALA B 117 15.49 -24.09 10.20
C ALA B 117 16.56 -23.15 9.65
N ASN B 118 16.22 -21.89 9.40
CA ASN B 118 17.15 -20.96 8.78
C ASN B 118 17.17 -19.69 9.59
N GLU B 119 18.35 -19.29 10.06
CA GLU B 119 18.42 -18.09 10.86
C GLU B 119 18.01 -16.86 10.06
N GLU B 120 18.15 -16.91 8.72
CA GLU B 120 17.81 -15.78 7.88
C GLU B 120 16.33 -15.44 7.96
N THR B 121 15.48 -16.43 8.29
CA THR B 121 14.05 -16.17 8.48
C THR B 121 13.82 -15.10 9.54
N PHE B 122 14.49 -15.24 10.68
CA PHE B 122 14.26 -14.32 11.79
C PHE B 122 14.86 -12.95 11.51
N GLU B 123 16.05 -12.91 10.90
CA GLU B 123 16.63 -11.64 10.52
C GLU B 123 15.74 -10.91 9.53
N THR B 124 15.20 -11.64 8.55
CA THR B 124 14.39 -11.01 7.51
C THR B 124 13.13 -10.37 8.10
N LEU B 125 12.37 -11.14 8.88
CA LEU B 125 11.13 -10.61 9.44
C LEU B 125 11.40 -9.50 10.45
N ARG B 126 12.56 -9.55 11.10
CA ARG B 126 13.00 -8.43 11.94
CA ARG B 126 12.99 -8.43 11.94
C ARG B 126 13.18 -7.18 11.09
N LEU B 127 13.79 -7.32 9.92
CA LEU B 127 14.02 -6.18 9.04
C LEU B 127 12.71 -5.64 8.47
N VAL B 128 11.81 -6.53 8.03
CA VAL B 128 10.55 -6.08 7.45
C VAL B 128 9.68 -5.42 8.51
N GLY B 129 9.57 -6.04 9.69
CA GLY B 129 8.71 -5.49 10.73
C GLY B 129 9.14 -4.12 11.19
N GLU B 130 10.45 -3.89 11.28
CA GLU B 130 10.94 -2.60 11.73
C GLU B 130 10.68 -1.51 10.69
N LYS B 131 10.77 -1.85 9.41
CA LYS B 131 10.56 -0.84 8.38
C LYS B 131 9.09 -0.65 8.06
N TYR B 132 8.31 -1.73 8.05
CA TYR B 132 6.89 -1.70 7.69
C TYR B 132 6.09 -2.30 8.84
N PRO B 133 5.88 -1.53 9.92
CA PRO B 133 5.14 -2.07 11.08
C PRO B 133 3.69 -2.41 10.79
N HIS B 134 3.12 -1.87 9.71
CA HIS B 134 1.73 -2.16 9.38
C HIS B 134 1.53 -3.52 8.74
N LEU B 135 2.60 -4.16 8.25
CA LEU B 135 2.44 -5.43 7.58
C LEU B 135 2.18 -6.55 8.59
N ILE B 136 1.34 -7.49 8.19
CA ILE B 136 1.13 -8.70 8.96
C ILE B 136 2.28 -9.64 8.67
N LEU B 137 2.92 -10.14 9.73
CA LEU B 137 4.06 -11.04 9.59
C LEU B 137 3.58 -12.47 9.84
N CYS B 138 3.86 -13.34 8.89
CA CYS B 138 3.33 -14.69 8.84
C CYS B 138 4.48 -15.65 8.55
N ILE B 139 4.40 -16.86 9.08
CA ILE B 139 5.34 -17.91 8.72
C ILE B 139 4.59 -19.22 8.55
N SER B 140 5.20 -20.10 7.75
CA SER B 140 4.78 -21.49 7.58
C SER B 140 5.87 -22.37 8.13
N THR B 141 5.49 -23.51 8.69
CA THR B 141 6.47 -24.42 9.29
C THR B 141 5.94 -25.84 9.28
N ASN B 142 6.86 -26.81 9.17
CA ASN B 142 6.50 -28.19 9.43
C ASN B 142 6.32 -28.47 10.92
N GLY B 143 6.66 -27.51 11.78
CA GLY B 143 6.37 -27.61 13.20
C GLY B 143 7.46 -28.23 14.03
N LEU B 144 8.49 -28.82 13.43
CA LEU B 144 9.50 -29.53 14.22
C LEU B 144 10.23 -28.59 15.17
N LEU B 145 10.57 -27.37 14.70
CA LEU B 145 11.29 -26.41 15.52
C LEU B 145 10.39 -25.36 16.13
N LEU B 146 9.08 -25.52 16.02
CA LEU B 146 8.17 -24.50 16.52
C LEU B 146 8.28 -24.32 18.04
N PRO B 147 8.33 -25.36 18.87
CA PRO B 147 8.54 -25.12 20.32
C PRO B 147 9.81 -24.34 20.60
N ASP B 148 10.87 -24.61 19.85
CA ASP B 148 12.16 -23.99 20.16
C ASP B 148 12.24 -22.55 19.68
N ARG B 149 11.51 -22.18 18.64
CA ARG B 149 11.63 -20.85 18.06
C ARG B 149 10.38 -19.98 18.24
N ILE B 150 9.35 -20.48 18.91
CA ILE B 150 8.12 -19.69 19.03
C ILE B 150 8.39 -18.43 19.83
N GLU B 151 9.28 -18.49 20.81
CA GLU B 151 9.64 -17.29 21.57
C GLU B 151 10.23 -16.23 20.65
N ASP B 152 11.13 -16.64 19.74
CA ASP B 152 11.70 -15.72 18.77
C ASP B 152 10.62 -15.14 17.86
N LEU B 153 9.73 -16.00 17.37
CA LEU B 153 8.63 -15.54 16.52
C LEU B 153 7.80 -14.48 17.22
N ASP B 154 7.43 -14.74 18.48
CA ASP B 154 6.69 -13.76 19.27
C ASP B 154 7.42 -12.43 19.38
N ARG B 155 8.74 -12.47 19.64
CA ARG B 155 9.48 -11.22 19.85
C ARG B 155 9.53 -10.36 18.59
N ILE B 156 9.71 -10.99 17.43
CA ILE B 156 9.83 -10.22 16.19
C ILE B 156 8.49 -9.80 15.61
N GLY B 157 7.38 -10.23 16.20
CA GLY B 157 6.08 -9.72 15.82
C GLY B 157 5.26 -10.60 14.90
N VAL B 158 5.63 -11.86 14.72
CA VAL B 158 4.82 -12.77 13.91
C VAL B 158 3.49 -13.01 14.62
N THR B 159 2.40 -12.84 13.90
CA THR B 159 1.07 -12.98 14.48
C THR B 159 0.29 -14.16 13.91
N ASN B 160 0.72 -14.72 12.78
CA ASN B 160 0.01 -15.79 12.11
C ASN B 160 1.03 -16.87 11.78
N ILE B 161 0.67 -18.11 12.08
CA ILE B 161 1.56 -19.26 11.91
C ILE B 161 0.77 -20.35 11.21
N THR B 162 1.35 -20.94 10.18
CA THR B 162 0.80 -22.12 9.55
C THR B 162 1.69 -23.30 9.89
N VAL B 163 1.07 -24.39 10.35
CA VAL B 163 1.77 -25.63 10.63
C VAL B 163 1.19 -26.71 9.72
N THR B 164 2.05 -27.46 9.04
CA THR B 164 1.59 -28.59 8.24
C THR B 164 1.58 -29.83 9.13
N LEU B 165 0.39 -30.34 9.42
CA LEU B 165 0.20 -31.48 10.32
C LEU B 165 -0.53 -32.55 9.54
N ASN B 166 0.18 -33.62 9.19
CA ASN B 166 -0.35 -34.64 8.31
C ASN B 166 -0.79 -35.88 9.06
N ALA B 167 -0.55 -35.92 10.38
CA ALA B 167 -0.90 -37.06 11.21
C ALA B 167 -0.83 -36.65 12.67
N VAL B 168 -1.75 -37.17 13.47
CA VAL B 168 -1.68 -37.10 14.92
C VAL B 168 -1.50 -38.49 15.51
N ASP B 169 -1.23 -39.48 14.65
CA ASP B 169 -0.84 -40.82 15.04
C ASP B 169 0.53 -41.09 14.42
N PRO B 170 1.56 -41.34 15.22
CA PRO B 170 2.91 -41.47 14.64
C PRO B 170 3.07 -42.69 13.74
N THR B 171 2.22 -43.72 13.87
CA THR B 171 2.31 -44.85 12.94
C THR B 171 1.84 -44.44 11.55
N ILE B 172 0.95 -43.46 11.47
CA ILE B 172 0.61 -42.87 10.18
C ILE B 172 1.68 -41.88 9.75
N GLY B 173 2.21 -41.10 10.70
CA GLY B 173 3.30 -40.19 10.39
C GLY B 173 4.49 -40.89 9.78
N GLU B 174 4.79 -42.10 10.27
CA GLU B 174 5.94 -42.85 9.75
C GLU B 174 5.81 -43.14 8.27
N GLN B 175 4.59 -43.20 7.75
CA GLN B 175 4.33 -43.47 6.35
C GLN B 175 4.50 -42.24 5.48
N ILE B 176 4.76 -41.08 6.09
CA ILE B 176 4.78 -39.83 5.35
C ILE B 176 6.17 -39.20 5.33
N TYR B 177 7.06 -39.57 6.24
CA TYR B 177 8.36 -38.92 6.34
C TYR B 177 9.48 -39.93 6.26
N ASP B 178 10.51 -39.58 5.47
CA ASP B 178 11.72 -40.39 5.40
C ASP B 178 12.57 -40.21 6.64
N TYR B 179 12.72 -38.97 7.11
CA TYR B 179 13.57 -38.70 8.25
C TYR B 179 13.24 -37.32 8.81
N VAL B 180 13.72 -37.09 10.02
CA VAL B 180 13.72 -35.77 10.62
C VAL B 180 15.10 -35.54 11.19
N ILE B 181 15.54 -34.29 11.15
CA ILE B 181 16.81 -33.88 11.73
C ILE B 181 16.49 -32.95 12.89
N TYR B 182 16.85 -33.36 14.10
CA TYR B 182 16.50 -32.57 15.28
C TYR B 182 17.68 -32.55 16.22
N LYS B 183 18.10 -31.34 16.60
CA LYS B 183 19.22 -31.10 17.50
C LYS B 183 20.42 -31.97 17.13
N GLY B 184 20.79 -31.92 15.85
CA GLY B 184 22.02 -32.55 15.41
C GLY B 184 21.98 -34.04 15.21
N GLU B 185 20.80 -34.64 15.06
CA GLU B 185 20.70 -36.05 14.80
C GLU B 185 19.58 -36.32 13.81
N ARG B 186 19.85 -37.18 12.84
CA ARG B 186 18.87 -37.60 11.86
C ARG B 186 18.23 -38.89 12.33
N TYR B 187 16.89 -38.92 12.37
CA TYR B 187 16.13 -40.05 12.86
C TYR B 187 15.24 -40.54 11.72
N GLU B 188 14.96 -41.85 11.72
CA GLU B 188 14.08 -42.44 10.73
C GLU B 188 12.96 -43.22 11.41
N GLY B 189 12.00 -43.65 10.60
CA GLY B 189 11.00 -44.58 11.08
C GLY B 189 10.08 -43.98 12.13
N LEU B 190 9.60 -44.85 13.02
CA LEU B 190 8.63 -44.45 14.04
C LEU B 190 9.22 -43.42 14.99
N GLU B 191 10.48 -43.58 15.37
CA GLU B 191 11.11 -42.62 16.26
C GLU B 191 11.07 -41.21 15.69
N ALA B 192 11.39 -41.07 14.40
CA ALA B 192 11.32 -39.77 13.75
C ALA B 192 9.91 -39.20 13.81
N ALA B 193 8.90 -40.02 13.47
CA ALA B 193 7.53 -39.54 13.45
C ALA B 193 7.05 -39.14 14.85
N LYS B 194 7.50 -39.85 15.90
CA LYS B 194 7.14 -39.48 17.26
C LYS B 194 7.80 -38.18 17.68
N ILE B 195 9.08 -37.99 17.33
CA ILE B 195 9.75 -36.74 17.63
C ILE B 195 9.06 -35.58 16.93
N LEU B 196 8.74 -35.76 15.65
CA LEU B 196 8.08 -34.70 14.89
C LEU B 196 6.73 -34.36 15.51
N LEU B 197 5.91 -35.37 15.81
CA LEU B 197 4.55 -35.11 16.28
C LEU B 197 4.54 -34.44 17.65
N ASP B 198 5.39 -34.92 18.56
CA ASP B 198 5.47 -34.27 19.87
C ASP B 198 5.80 -32.80 19.74
N ASN B 199 6.75 -32.46 18.88
CA ASN B 199 7.12 -31.05 18.71
CA ASN B 199 7.12 -31.05 18.70
C ASN B 199 6.00 -30.25 18.05
N GLN B 200 5.36 -30.81 17.03
CA GLN B 200 4.26 -30.10 16.38
C GLN B 200 3.17 -29.74 17.39
N LEU B 201 2.75 -30.70 18.21
CA LEU B 201 1.69 -30.45 19.16
C LEU B 201 2.12 -29.47 20.24
N LYS B 202 3.35 -29.62 20.76
CA LYS B 202 3.84 -28.68 21.75
C LYS B 202 3.95 -27.28 21.15
N GLY B 203 4.38 -27.19 19.90
CA GLY B 203 4.51 -25.89 19.25
C GLY B 203 3.16 -25.22 19.04
N ILE B 204 2.17 -25.97 18.56
CA ILE B 204 0.84 -25.42 18.38
C ILE B 204 0.26 -24.95 19.71
N GLU B 205 0.39 -25.78 20.75
CA GLU B 205 -0.07 -25.37 22.08
C GLU B 205 0.52 -24.03 22.47
N GLU B 206 1.84 -23.89 22.33
CA GLU B 206 2.52 -22.69 22.78
C GLU B 206 2.15 -21.50 21.90
N ALA B 207 1.97 -21.72 20.60
CA ALA B 207 1.57 -20.62 19.74
C ALA B 207 0.17 -20.13 20.08
N VAL B 208 -0.75 -21.06 20.30
CA VAL B 208 -2.10 -20.69 20.73
C VAL B 208 -2.06 -19.95 22.06
N ARG B 209 -1.26 -20.44 23.01
CA ARG B 209 -1.18 -19.79 24.31
C ARG B 209 -0.69 -18.35 24.19
N ARG B 210 0.20 -18.09 23.24
CA ARG B 210 0.73 -16.75 23.01
C ARG B 210 -0.15 -15.91 22.10
N LYS B 211 -1.38 -16.35 21.84
CA LYS B 211 -2.39 -15.61 21.09
C LYS B 211 -2.01 -15.45 19.61
N LYS B 212 -1.23 -16.38 19.08
CA LYS B 212 -0.99 -16.42 17.64
C LYS B 212 -2.18 -17.08 16.95
N ILE B 213 -2.47 -16.63 15.73
CA ILE B 213 -3.50 -17.25 14.91
C ILE B 213 -2.87 -18.39 14.14
N VAL B 214 -3.35 -19.61 14.34
CA VAL B 214 -2.73 -20.81 13.81
C VAL B 214 -3.63 -21.39 12.73
N LYS B 215 -3.09 -21.55 11.53
CA LYS B 215 -3.70 -22.33 10.48
C LYS B 215 -2.94 -23.65 10.37
N VAL B 216 -3.66 -24.75 10.20
CA VAL B 216 -3.04 -26.06 10.04
C VAL B 216 -3.30 -26.51 8.62
N ASN B 217 -2.23 -26.82 7.89
CA ASN B 217 -2.35 -27.51 6.62
C ASN B 217 -2.31 -29.01 6.83
N THR B 218 -3.08 -29.74 6.02
CA THR B 218 -3.00 -31.19 5.96
C THR B 218 -2.99 -31.63 4.50
N VAL B 219 -1.96 -32.37 4.11
CA VAL B 219 -1.92 -32.97 2.78
C VAL B 219 -2.77 -34.24 2.81
N LEU B 220 -3.78 -34.29 1.97
CA LEU B 220 -4.69 -35.43 1.92
C LEU B 220 -4.08 -36.51 1.03
N ILE B 221 -3.63 -37.60 1.65
CA ILE B 221 -2.90 -38.65 0.96
C ILE B 221 -3.79 -39.90 0.91
N PRO B 222 -4.45 -40.18 -0.22
CA PRO B 222 -5.32 -41.35 -0.31
C PRO B 222 -4.58 -42.62 0.11
N GLY B 223 -5.22 -43.40 0.97
CA GLY B 223 -4.66 -44.64 1.44
C GLY B 223 -3.73 -44.49 2.62
N ILE B 224 -3.42 -43.27 3.05
CA ILE B 224 -2.47 -43.07 4.14
CA ILE B 224 -2.46 -43.05 4.13
C ILE B 224 -3.12 -42.29 5.27
N ASN B 225 -3.61 -41.08 4.99
CA ASN B 225 -4.24 -40.27 6.04
C ASN B 225 -5.61 -39.74 5.64
N ASP B 226 -6.22 -40.29 4.59
CA ASP B 226 -7.44 -39.70 4.05
C ASP B 226 -8.66 -39.92 4.95
N LYS B 227 -8.65 -40.93 5.82
CA LYS B 227 -9.66 -40.96 6.87
C LYS B 227 -9.09 -40.52 8.22
N HIS B 228 -7.77 -40.59 8.38
CA HIS B 228 -7.16 -40.07 9.59
C HIS B 228 -7.34 -38.56 9.72
N VAL B 229 -7.62 -37.85 8.63
CA VAL B 229 -7.76 -36.40 8.70
C VAL B 229 -8.88 -35.99 9.65
N PHE B 230 -9.90 -36.84 9.83
CA PHE B 230 -10.93 -36.58 10.82
C PHE B 230 -10.32 -36.49 12.23
N ASP B 231 -9.41 -37.40 12.56
CA ASP B 231 -8.76 -37.35 13.86
C ASP B 231 -7.91 -36.08 13.99
N ILE B 232 -7.24 -35.69 12.90
CA ILE B 232 -6.44 -34.46 12.91
C ILE B 232 -7.33 -33.27 13.23
N ALA B 233 -8.47 -33.14 12.53
CA ALA B 233 -9.35 -32.01 12.72
C ALA B 233 -9.87 -31.92 14.15
N ARG B 234 -10.27 -33.05 14.74
CA ARG B 234 -10.74 -33.04 16.12
C ARG B 234 -9.62 -32.57 17.06
N LYS B 235 -8.42 -33.11 16.88
CA LYS B 235 -7.32 -32.74 17.77
C LYS B 235 -7.02 -31.25 17.69
N ILE B 236 -6.84 -30.72 16.47
CA ILE B 236 -6.47 -29.31 16.35
C ILE B 236 -7.60 -28.41 16.79
N LYS B 237 -8.86 -28.87 16.65
CA LYS B 237 -9.99 -28.09 17.14
CA LYS B 237 -9.99 -28.09 17.14
C LYS B 237 -9.90 -27.91 18.65
N SER B 238 -9.64 -28.99 19.39
CA SER B 238 -9.53 -28.89 20.84
CA SER B 238 -9.55 -28.88 20.84
C SER B 238 -8.37 -28.02 21.25
N MET B 239 -7.31 -27.97 20.45
CA MET B 239 -6.12 -27.21 20.77
C MET B 239 -6.24 -25.72 20.49
N GLY B 240 -7.29 -25.27 19.79
CA GLY B 240 -7.46 -23.86 19.54
C GLY B 240 -6.91 -23.34 18.23
N VAL B 241 -6.63 -24.24 17.28
CA VAL B 241 -6.31 -23.83 15.92
C VAL B 241 -7.49 -23.09 15.30
N PHE B 242 -7.18 -22.03 14.54
CA PHE B 242 -8.24 -21.18 14.02
C PHE B 242 -8.88 -21.76 12.76
N ILE B 243 -8.08 -22.31 11.84
CA ILE B 243 -8.59 -22.73 10.55
C ILE B 243 -7.79 -23.93 10.04
N HIS B 244 -8.45 -24.77 9.25
CA HIS B 244 -7.88 -26.00 8.72
C HIS B 244 -7.88 -25.95 7.20
N ASN B 245 -6.74 -26.24 6.59
CA ASN B 245 -6.58 -26.19 5.13
C ASN B 245 -6.18 -27.58 4.65
N VAL B 246 -7.14 -28.31 4.09
CA VAL B 246 -6.90 -29.64 3.56
C VAL B 246 -6.51 -29.53 2.08
N MET B 247 -5.30 -29.95 1.77
CA MET B 247 -4.72 -29.81 0.43
C MET B 247 -4.64 -31.17 -0.23
N PRO B 248 -5.08 -31.31 -1.48
CA PRO B 248 -4.90 -32.59 -2.17
C PRO B 248 -3.43 -32.89 -2.37
N LEU B 249 -3.06 -34.15 -2.17
CA LEU B 249 -1.73 -34.62 -2.53
C LEU B 249 -1.38 -34.24 -3.96
N ILE B 250 -0.19 -33.65 -4.13
CA ILE B 250 0.46 -33.53 -5.43
C ILE B 250 1.40 -34.72 -5.55
N PRO B 251 1.08 -35.75 -6.34
CA PRO B 251 1.91 -36.96 -6.39
CA PRO B 251 1.91 -36.96 -6.39
C PRO B 251 3.32 -36.66 -6.88
N GLN B 252 4.30 -36.99 -6.04
CA GLN B 252 5.70 -36.68 -6.31
C GLN B 252 6.54 -37.52 -5.37
N TYR B 253 7.81 -37.71 -5.76
CA TYR B 253 8.79 -38.48 -4.95
C TYR B 253 8.18 -39.84 -4.65
N LYS B 254 8.22 -40.32 -3.41
CA LYS B 254 7.76 -41.68 -3.10
C LYS B 254 6.25 -41.82 -3.21
N PHE B 255 5.51 -40.72 -3.34
CA PHE B 255 4.07 -40.77 -3.53
C PHE B 255 3.69 -40.50 -4.99
N ALA B 256 4.65 -40.62 -5.91
CA ALA B 256 4.41 -40.27 -7.30
C ALA B 256 3.39 -41.18 -7.97
N HIS B 257 3.13 -42.37 -7.40
CA HIS B 257 2.17 -43.29 -8.01
C HIS B 257 0.78 -43.17 -7.44
N ILE B 258 0.62 -42.47 -6.33
CA ILE B 258 -0.66 -42.39 -5.63
C ILE B 258 -1.64 -41.52 -6.42
N LYS B 259 -2.87 -41.98 -6.57
CA LYS B 259 -3.90 -41.21 -7.24
C LYS B 259 -4.40 -40.08 -6.35
N PRO B 260 -4.27 -38.83 -6.76
CA PRO B 260 -4.65 -37.74 -5.89
C PRO B 260 -6.15 -37.74 -5.70
N PRO B 261 -6.67 -37.13 -4.64
CA PRO B 261 -8.11 -37.05 -4.47
C PRO B 261 -8.74 -36.18 -5.55
N THR B 262 -9.88 -36.63 -6.07
CA THR B 262 -10.59 -35.83 -7.04
C THR B 262 -11.13 -34.56 -6.37
N PRO B 263 -11.42 -33.52 -7.17
CA PRO B 263 -12.03 -32.32 -6.58
C PRO B 263 -13.34 -32.61 -5.86
N GLU B 264 -14.11 -33.60 -6.32
CA GLU B 264 -15.35 -33.94 -5.65
C GLU B 264 -15.08 -34.62 -4.31
N GLU B 265 -14.19 -35.61 -4.30
CA GLU B 265 -13.82 -36.26 -3.05
C GLU B 265 -13.23 -35.26 -2.07
N LYS B 266 -12.40 -34.35 -2.57
CA LYS B 266 -11.80 -33.33 -1.72
CA LYS B 266 -11.79 -33.33 -1.73
C LYS B 266 -12.86 -32.47 -1.06
N ARG B 267 -13.80 -31.94 -1.86
CA ARG B 267 -14.83 -31.08 -1.30
C ARG B 267 -15.77 -31.84 -0.36
N ALA B 268 -15.96 -33.14 -0.60
CA ALA B 268 -16.80 -33.92 0.30
C ALA B 268 -16.16 -34.04 1.68
N ILE B 269 -14.84 -34.28 1.72
CA ILE B 269 -14.12 -34.32 2.98
C ILE B 269 -14.16 -32.94 3.65
N GLN B 270 -13.89 -31.89 2.88
CA GLN B 270 -13.89 -30.55 3.44
C GLN B 270 -15.25 -30.21 4.05
N ASP B 271 -16.34 -30.58 3.36
CA ASP B 271 -17.67 -30.30 3.87
C ASP B 271 -17.91 -30.99 5.21
N GLU B 272 -17.48 -32.25 5.34
CA GLU B 272 -17.62 -32.95 6.61
C GLU B 272 -16.71 -32.36 7.69
N LEU B 273 -15.49 -31.99 7.33
CA LEU B 273 -14.57 -31.47 8.34
C LEU B 273 -14.99 -30.10 8.83
N SER B 274 -15.74 -29.34 8.01
CA SER B 274 -16.18 -28.01 8.44
C SER B 274 -17.16 -28.06 9.60
N LYS B 275 -17.78 -29.22 9.86
CA LYS B 275 -18.60 -29.37 11.04
C LYS B 275 -17.77 -29.50 12.30
N ILE B 276 -16.49 -29.81 12.16
CA ILE B 276 -15.57 -29.88 13.29
C ILE B 276 -14.82 -28.57 13.48
N ILE B 277 -14.22 -28.06 12.41
CA ILE B 277 -13.41 -26.85 12.48
C ILE B 277 -13.51 -26.12 11.15
N LYS B 278 -13.43 -24.80 11.22
CA LYS B 278 -13.45 -23.95 10.03
C LYS B 278 -12.44 -24.44 9.00
N GLN B 279 -12.89 -24.51 7.75
CA GLN B 279 -12.05 -24.95 6.64
C GLN B 279 -11.70 -23.79 5.71
N MET B 280 -10.45 -23.76 5.26
CA MET B 280 -10.01 -22.83 4.24
C MET B 280 -10.44 -23.35 2.87
N ARG B 281 -11.00 -22.48 2.05
CA ARG B 281 -11.45 -22.86 0.71
C ARG B 281 -10.63 -22.18 -0.39
#